data_2IHO
#
_entry.id   2IHO
#
_cell.length_a   104.640
_cell.length_b   104.640
_cell.length_c   112.660
_cell.angle_alpha   90.00
_cell.angle_beta   90.00
_cell.angle_gamma   120.00
#
_symmetry.space_group_name_H-M   'P 32 2 1'
#
loop_
_entity.id
_entity.type
_entity.pdbx_description
1 polymer Lectin
2 branched beta-D-galactopyranose-(1-3)-beta-D-galactopyranose-(1-4)-2-acetamido-2-deoxy-beta-D-glucopyranose
3 water water
#
_entity_poly.entity_id   1
_entity_poly.type   'polypeptide(L)'
_entity_poly.pdbx_seq_one_letter_code
;MSLRRGIYHIENAGVPSAIDLKDGSSSDGTPIVGWQFTPDTINWHQLWLAEPIPNVADTFTLCNLFSGTYMDLYNGSSEA
GTAVNGWQGTAFTTNPHQLWTIKKSSDGTSYKIQNYGSKTFVDLVNGDSSDGAKIAGWTGTWDEGNPHQKWYFNRMSVSS
AEAQAAIARNPHIHGTYRGYILDGEYLVLPNATFTQIWKDSGLPGSKWREQIYDCDDFAIAMKAAVGKWGADSWKANGFA
IFCGVMLGVNKAGDAAHAYNFTLTKDHADIVFFEPQNGGYLNDIGYDSYMAFY
;
_entity_poly.pdbx_strand_id   A
#
loop_
_chem_comp.id
_chem_comp.type
_chem_comp.name
_chem_comp.formula
GAL D-saccharide, beta linking beta-D-galactopyranose 'C6 H12 O6'
NAG D-saccharide, beta linking 2-acetamido-2-deoxy-beta-D-glucopyranose 'C8 H15 N O6'
#
# COMPACT_ATOMS: atom_id res chain seq x y z
N SER A 2 -7.84 8.07 -14.55
CA SER A 2 -6.44 7.56 -14.46
C SER A 2 -6.20 6.78 -13.17
N LEU A 3 -5.34 5.77 -13.22
CA LEU A 3 -4.89 5.15 -11.99
C LEU A 3 -4.12 6.21 -11.18
N ARG A 4 -4.40 6.26 -9.89
CA ARG A 4 -3.71 7.15 -8.98
C ARG A 4 -2.37 6.53 -8.61
N ARG A 5 -1.38 7.39 -8.37
CA ARG A 5 -0.17 6.95 -7.70
C ARG A 5 -0.59 6.22 -6.42
N GLY A 6 0.01 5.08 -6.15
CA GLY A 6 -0.37 4.37 -4.95
C GLY A 6 0.19 2.97 -4.86
N ILE A 7 -0.10 2.33 -3.75
CA ILE A 7 0.31 0.96 -3.53
C ILE A 7 -0.94 0.13 -3.79
N TYR A 8 -0.77 -0.90 -4.61
CA TYR A 8 -1.86 -1.74 -5.08
C TYR A 8 -1.50 -3.19 -4.90
N HIS A 9 -2.55 -3.97 -4.65
CA HIS A 9 -2.49 -5.41 -4.71
C HIS A 9 -3.22 -5.73 -6.03
N ILE A 10 -2.51 -6.40 -6.94
CA ILE A 10 -2.99 -6.53 -8.30
C ILE A 10 -3.53 -7.94 -8.49
N GLU A 11 -4.85 -8.04 -8.61
CA GLU A 11 -5.54 -9.33 -8.56
C GLU A 11 -6.16 -9.59 -9.91
N ASN A 12 -5.89 -10.77 -10.47
CA ASN A 12 -6.44 -11.13 -11.77
C ASN A 12 -7.97 -11.17 -11.78
N ALA A 13 -8.57 -10.56 -12.80
CA ALA A 13 -10.04 -10.52 -12.97
C ALA A 13 -10.74 -11.89 -13.13
N GLY A 14 -10.08 -12.84 -13.78
CA GLY A 14 -10.70 -14.13 -14.08
C GLY A 14 -10.58 -15.14 -12.97
N VAL A 15 -9.37 -15.28 -12.44
CA VAL A 15 -9.09 -16.22 -11.34
C VAL A 15 -8.47 -15.52 -10.13
N PRO A 16 -8.63 -16.08 -8.92
CA PRO A 16 -8.17 -15.34 -7.76
C PRO A 16 -6.67 -15.51 -7.50
N SER A 17 -5.87 -15.10 -8.49
CA SER A 17 -4.44 -14.96 -8.32
C SER A 17 -4.03 -13.49 -8.29
N ALA A 18 -2.96 -13.20 -7.56
CA ALA A 18 -2.42 -11.85 -7.54
C ALA A 18 -1.00 -11.84 -8.15
N ILE A 19 -0.53 -10.68 -8.55
CA ILE A 19 0.82 -10.55 -9.10
C ILE A 19 1.85 -10.68 -7.99
N ASP A 20 2.64 -11.74 -8.07
CA ASP A 20 3.53 -12.14 -7.00
C ASP A 20 4.96 -12.05 -7.50
N LEU A 21 5.86 -11.52 -6.68
CA LEU A 21 7.29 -11.55 -7.01
C LEU A 21 7.88 -12.72 -6.24
N LYS A 22 8.31 -13.76 -6.96
CA LYS A 22 8.73 -15.01 -6.35
C LYS A 22 9.71 -14.83 -5.19
N ASP A 23 9.22 -15.18 -3.99
CA ASP A 23 10.01 -15.17 -2.77
C ASP A 23 10.52 -13.80 -2.41
N GLY A 24 9.92 -12.79 -3.04
CA GLY A 24 10.24 -11.41 -2.80
C GLY A 24 11.67 -11.09 -3.05
N SER A 25 12.33 -11.91 -3.85
CA SER A 25 13.76 -11.72 -4.08
C SER A 25 14.07 -10.42 -4.84
N SER A 26 15.13 -9.75 -4.45
CA SER A 26 15.46 -8.50 -5.12
C SER A 26 16.55 -8.71 -6.17
N SER A 27 16.68 -9.96 -6.58
CA SER A 27 17.62 -10.34 -7.61
CA SER A 27 17.61 -10.37 -7.61
C SER A 27 17.04 -10.05 -8.99
N ASP A 28 17.85 -9.42 -9.84
CA ASP A 28 17.49 -9.21 -11.25
C ASP A 28 17.15 -10.56 -11.89
N GLY A 29 16.02 -10.58 -12.59
CA GLY A 29 15.58 -11.78 -13.27
C GLY A 29 14.63 -12.62 -12.46
N THR A 30 14.24 -12.13 -11.28
CA THR A 30 13.30 -12.86 -10.41
C THR A 30 11.91 -12.92 -11.03
N PRO A 31 11.36 -14.12 -11.21
CA PRO A 31 10.06 -14.21 -11.90
C PRO A 31 8.93 -13.55 -11.13
N ILE A 32 8.02 -12.95 -11.88
CA ILE A 32 6.77 -12.44 -11.39
C ILE A 32 5.70 -13.44 -11.84
N VAL A 33 4.99 -13.99 -10.86
CA VAL A 33 4.12 -15.13 -11.10
C VAL A 33 2.73 -14.85 -10.53
N GLY A 34 1.73 -15.65 -10.94
CA GLY A 34 0.41 -15.60 -10.31
C GLY A 34 0.53 -16.36 -9.01
N TRP A 35 -0.18 -15.95 -7.96
CA TRP A 35 -0.10 -16.63 -6.65
C TRP A 35 -1.34 -16.24 -5.81
N GLN A 36 -1.79 -17.17 -4.97
CA GLN A 36 -2.99 -16.92 -4.14
C GLN A 36 -2.66 -15.87 -3.09
N PHE A 37 -3.69 -15.32 -2.47
CA PHE A 37 -3.49 -14.28 -1.48
C PHE A 37 -4.52 -14.46 -0.38
N THR A 38 -4.21 -13.90 0.79
CA THR A 38 -5.15 -13.79 1.88
C THR A 38 -5.59 -12.34 1.96
N PRO A 39 -6.89 -12.08 1.81
CA PRO A 39 -7.31 -10.70 1.81
C PRO A 39 -7.26 -10.14 3.22
N ASP A 40 -7.12 -8.83 3.31
CA ASP A 40 -7.08 -8.15 4.59
C ASP A 40 -5.94 -8.67 5.46
N THR A 41 -4.85 -9.05 4.77
CA THR A 41 -3.57 -9.30 5.41
C THR A 41 -2.55 -8.59 4.54
N ILE A 42 -1.33 -8.45 5.06
CA ILE A 42 -0.22 -8.05 4.20
C ILE A 42 0.19 -9.27 3.42
N ASN A 43 0.12 -9.15 2.10
CA ASN A 43 0.61 -10.18 1.18
C ASN A 43 2.01 -9.74 0.76
N TRP A 44 3.02 -10.26 1.46
CA TRP A 44 4.39 -9.74 1.43
C TRP A 44 5.06 -9.50 0.09
N HIS A 45 4.81 -10.39 -0.87
CA HIS A 45 5.50 -10.36 -2.15
C HIS A 45 4.59 -9.84 -3.26
N GLN A 46 3.40 -9.38 -2.88
CA GLN A 46 2.39 -9.00 -3.82
C GLN A 46 1.95 -7.54 -3.78
N LEU A 47 2.75 -6.64 -3.17
CA LEU A 47 2.41 -5.22 -3.07
C LEU A 47 3.22 -4.37 -4.08
N TRP A 48 2.54 -3.50 -4.83
CA TRP A 48 3.18 -2.79 -5.95
C TRP A 48 2.96 -1.28 -5.88
N LEU A 49 4.05 -0.53 -5.75
CA LEU A 49 4.02 0.91 -5.75
C LEU A 49 4.06 1.41 -7.20
N ALA A 50 2.95 2.00 -7.62
CA ALA A 50 2.81 2.62 -8.92
C ALA A 50 3.19 4.08 -8.83
N GLU A 51 4.24 4.46 -9.54
CA GLU A 51 4.67 5.86 -9.63
C GLU A 51 4.43 6.42 -11.05
N PRO A 52 3.69 7.55 -11.13
CA PRO A 52 3.36 8.15 -12.44
C PRO A 52 4.57 8.80 -13.12
N ILE A 53 4.74 8.52 -14.41
CA ILE A 53 5.87 9.07 -15.16
C ILE A 53 5.53 10.49 -15.63
N PRO A 54 6.35 11.47 -15.22
CA PRO A 54 6.20 12.88 -15.64
C PRO A 54 6.14 12.95 -17.17
N ASN A 55 4.99 13.38 -17.67
CA ASN A 55 4.79 13.66 -19.09
C ASN A 55 4.56 12.47 -20.04
N VAL A 56 4.46 11.27 -19.46
CA VAL A 56 3.95 10.11 -20.17
C VAL A 56 2.62 9.76 -19.50
N ALA A 57 1.53 9.86 -20.27
CA ALA A 57 0.16 9.78 -19.74
C ALA A 57 -0.10 8.35 -19.38
N ASP A 58 -0.71 8.15 -18.22
CA ASP A 58 -1.27 6.86 -17.83
C ASP A 58 -0.23 5.75 -17.67
N THR A 59 1.01 6.16 -17.49
CA THR A 59 2.17 5.29 -17.50
C THR A 59 2.96 5.42 -16.18
N PHE A 60 3.30 4.26 -15.65
CA PHE A 60 3.85 4.12 -14.30
C PHE A 60 5.04 3.18 -14.31
N THR A 61 5.91 3.33 -13.32
CA THR A 61 6.72 2.19 -12.87
C THR A 61 5.93 1.43 -11.78
N LEU A 62 6.19 0.14 -11.68
CA LEU A 62 5.62 -0.70 -10.63
C LEU A 62 6.74 -1.34 -9.81
N CYS A 63 6.90 -0.81 -8.60
CA CYS A 63 7.94 -1.25 -7.69
C CYS A 63 7.36 -2.18 -6.64
N ASN A 64 7.89 -3.39 -6.56
CA ASN A 64 7.53 -4.27 -5.48
C ASN A 64 8.01 -3.71 -4.14
N LEU A 65 7.11 -3.62 -3.17
CA LEU A 65 7.41 -3.00 -1.87
C LEU A 65 8.49 -3.74 -1.09
N PHE A 66 8.49 -5.05 -1.24
CA PHE A 66 9.34 -5.95 -0.49
C PHE A 66 10.76 -5.89 -1.00
N SER A 67 10.91 -6.09 -2.31
CA SER A 67 12.21 -6.17 -2.95
C SER A 67 12.81 -4.82 -3.29
N GLY A 68 11.96 -3.84 -3.57
CA GLY A 68 12.41 -2.55 -4.08
C GLY A 68 12.87 -2.67 -5.52
N THR A 69 12.46 -3.76 -6.18
CA THR A 69 12.76 -3.93 -7.61
C THR A 69 11.49 -3.79 -8.42
N TYR A 70 11.67 -3.61 -9.73
CA TYR A 70 10.63 -3.14 -10.58
C TYR A 70 10.14 -4.22 -11.52
N MET A 71 8.85 -4.20 -11.82
CA MET A 71 8.29 -5.06 -12.85
C MET A 71 8.97 -4.77 -14.20
N ASP A 72 9.55 -5.80 -14.77
CA ASP A 72 10.39 -5.61 -15.93
C ASP A 72 10.07 -6.61 -17.03
N LEU A 73 9.74 -6.11 -18.22
CA LEU A 73 9.54 -6.97 -19.37
C LEU A 73 10.89 -7.26 -19.99
N TYR A 74 11.24 -8.54 -20.03
CA TYR A 74 12.60 -8.98 -20.30
C TYR A 74 13.15 -8.62 -21.69
N ASN A 75 14.16 -7.76 -21.70
CA ASN A 75 14.74 -7.22 -22.96
C ASN A 75 13.72 -6.54 -23.89
N GLY A 76 12.57 -6.16 -23.35
CA GLY A 76 11.56 -5.39 -24.07
C GLY A 76 10.88 -6.09 -25.21
N SER A 77 10.86 -7.42 -25.18
CA SER A 77 10.37 -8.17 -26.33
C SER A 77 8.85 -8.15 -26.45
N SER A 78 8.36 -7.90 -27.66
CA SER A 78 6.94 -7.96 -27.99
C SER A 78 6.45 -9.39 -28.22
N GLU A 79 7.34 -10.36 -28.07
CA GLU A 79 6.97 -11.77 -28.25
CA GLU A 79 6.96 -11.76 -28.27
C GLU A 79 5.97 -12.20 -27.18
N ALA A 80 4.87 -12.81 -27.61
CA ALA A 80 3.90 -13.47 -26.73
C ALA A 80 4.67 -14.50 -25.89
N GLY A 81 4.54 -14.42 -24.56
CA GLY A 81 5.25 -15.32 -23.65
C GLY A 81 6.56 -14.79 -23.10
N THR A 82 6.92 -13.57 -23.48
CA THR A 82 8.09 -12.90 -22.88
C THR A 82 7.94 -12.75 -21.35
N ALA A 83 9.00 -13.13 -20.65
CA ALA A 83 9.06 -13.17 -19.20
C ALA A 83 8.86 -11.78 -18.61
N VAL A 84 8.09 -11.73 -17.52
CA VAL A 84 8.00 -10.54 -16.68
C VAL A 84 8.69 -10.85 -15.36
N ASN A 85 9.73 -10.08 -15.05
CA ASN A 85 10.62 -10.33 -13.90
C ASN A 85 10.73 -9.11 -13.02
N GLY A 86 11.22 -9.28 -11.81
CA GLY A 86 11.66 -8.13 -11.01
C GLY A 86 13.10 -7.78 -11.35
N TRP A 87 13.39 -6.49 -11.41
CA TRP A 87 14.67 -6.02 -11.89
C TRP A 87 14.97 -4.69 -11.23
N GLN A 88 16.25 -4.45 -10.89
CA GLN A 88 16.61 -3.17 -10.32
C GLN A 88 16.21 -2.01 -11.27
N GLY A 89 15.90 -0.88 -10.67
CA GLY A 89 15.46 0.27 -11.42
C GLY A 89 15.31 1.50 -10.57
N THR A 90 14.59 2.46 -11.13
CA THR A 90 14.31 3.73 -10.48
CA THR A 90 14.30 3.73 -10.49
C THR A 90 12.86 4.12 -10.79
N ALA A 91 12.26 4.91 -9.91
CA ALA A 91 10.83 5.28 -9.96
C ALA A 91 10.42 5.98 -11.26
N PHE A 92 11.31 6.81 -11.77
CA PHE A 92 10.98 7.65 -12.93
C PHE A 92 11.96 7.37 -14.04
N THR A 93 12.24 6.10 -14.21
CA THR A 93 13.18 5.59 -15.20
C THR A 93 12.68 5.85 -16.61
N THR A 94 13.60 5.91 -17.57
CA THR A 94 13.28 6.04 -18.98
C THR A 94 13.36 4.68 -19.68
N ASN A 95 13.73 3.64 -18.91
CA ASN A 95 13.76 2.26 -19.40
C ASN A 95 12.35 1.69 -19.66
N PRO A 96 11.96 1.54 -20.95
CA PRO A 96 10.60 1.10 -21.22
C PRO A 96 10.31 -0.34 -20.78
N HIS A 97 11.35 -1.10 -20.45
CA HIS A 97 11.14 -2.46 -19.94
C HIS A 97 10.39 -2.39 -18.60
N GLN A 98 10.48 -1.22 -17.98
CA GLN A 98 9.96 -1.01 -16.63
C GLN A 98 8.82 0.00 -16.62
N LEU A 99 8.40 0.45 -17.82
CA LEU A 99 7.29 1.40 -17.96
C LEU A 99 6.03 0.70 -18.46
N TRP A 100 4.93 1.01 -17.79
CA TRP A 100 3.67 0.26 -17.94
C TRP A 100 2.55 1.25 -18.04
N THR A 101 1.80 1.20 -19.15
CA THR A 101 0.63 2.05 -19.32
C THR A 101 -0.52 1.30 -18.72
N ILE A 102 -1.15 1.94 -17.73
CA ILE A 102 -2.24 1.27 -16.98
C ILE A 102 -3.54 2.05 -17.15
N LYS A 103 -4.51 1.36 -17.78
CA LYS A 103 -5.82 1.94 -18.10
C LYS A 103 -6.95 0.96 -17.88
N LYS A 104 -8.13 1.46 -17.55
CA LYS A 104 -9.32 0.61 -17.38
C LYS A 104 -9.61 -0.22 -18.62
N SER A 105 -9.95 -1.50 -18.43
CA SER A 105 -10.72 -2.30 -19.43
C SER A 105 -12.04 -1.54 -19.62
N SER A 106 -12.80 -1.65 -20.71
CA SER A 106 -13.78 -2.70 -21.03
C SER A 106 -14.81 -2.91 -19.93
N ASP A 107 -14.51 -3.69 -18.90
CA ASP A 107 -15.47 -3.82 -17.83
C ASP A 107 -15.60 -2.50 -17.03
N GLY A 108 -14.77 -1.53 -17.39
CA GLY A 108 -14.76 -0.24 -16.68
C GLY A 108 -14.25 -0.32 -15.25
N THR A 109 -13.90 -1.51 -14.80
CA THR A 109 -13.47 -1.64 -13.40
C THR A 109 -12.02 -2.13 -13.25
N SER A 110 -11.70 -3.27 -13.88
CA SER A 110 -10.34 -3.79 -13.87
C SER A 110 -9.50 -2.98 -14.86
N TYR A 111 -8.20 -3.17 -14.80
CA TYR A 111 -7.26 -2.47 -15.68
C TYR A 111 -6.54 -3.43 -16.63
N LYS A 112 -5.95 -2.87 -17.67
CA LYS A 112 -4.96 -3.60 -18.44
C LYS A 112 -3.59 -2.98 -18.18
N ILE A 113 -2.55 -3.80 -18.22
CA ILE A 113 -1.19 -3.31 -18.00
C ILE A 113 -0.37 -3.55 -19.24
N GLN A 114 -0.01 -2.47 -19.93
CA GLN A 114 0.69 -2.54 -21.18
C GLN A 114 2.12 -2.04 -21.06
N ASN A 115 3.09 -2.80 -21.55
CA ASN A 115 4.44 -2.29 -21.57
C ASN A 115 4.56 -1.14 -22.58
N TYR A 116 5.05 -0.01 -22.09
CA TYR A 116 5.19 1.18 -22.90
C TYR A 116 6.06 0.97 -24.15
N GLY A 117 7.03 0.06 -24.06
CA GLY A 117 7.93 -0.21 -25.15
C GLY A 117 7.41 -1.25 -26.11
N SER A 118 7.01 -2.40 -25.59
CA SER A 118 6.60 -3.53 -26.44
C SER A 118 5.17 -3.41 -26.93
N LYS A 119 4.33 -2.70 -26.16
CA LYS A 119 2.91 -2.52 -26.48
C LYS A 119 2.12 -3.82 -26.23
N THR A 120 2.79 -4.81 -25.68
CA THR A 120 2.12 -6.04 -25.25
C THR A 120 1.61 -5.93 -23.80
N PHE A 121 0.73 -6.85 -23.42
CA PHE A 121 0.03 -6.80 -22.16
C PHE A 121 0.46 -7.87 -21.16
N VAL A 122 0.35 -7.53 -19.88
CA VAL A 122 0.68 -8.43 -18.78
C VAL A 122 -0.42 -9.48 -18.78
N ASP A 123 0.01 -10.73 -18.90
CA ASP A 123 -0.88 -11.85 -19.18
C ASP A 123 -0.64 -12.94 -18.17
N LEU A 124 -1.70 -13.34 -17.46
CA LEU A 124 -1.64 -14.56 -16.68
C LEU A 124 -1.86 -15.71 -17.65
N VAL A 125 -0.78 -16.36 -18.02
CA VAL A 125 -0.79 -17.27 -19.16
C VAL A 125 -1.79 -18.39 -18.94
N ASN A 126 -2.75 -18.48 -19.88
CA ASN A 126 -3.82 -19.48 -19.91
C ASN A 126 -4.85 -19.37 -18.80
N GLY A 127 -4.84 -18.24 -18.08
CA GLY A 127 -5.71 -18.06 -16.92
C GLY A 127 -5.43 -19.12 -15.86
N ASP A 128 -4.17 -19.55 -15.80
CA ASP A 128 -3.72 -20.56 -14.83
C ASP A 128 -3.70 -20.01 -13.40
N SER A 129 -4.59 -20.53 -12.54
CA SER A 129 -4.65 -20.12 -11.14
C SER A 129 -3.70 -20.86 -10.18
N SER A 130 -2.81 -21.69 -10.68
CA SER A 130 -1.93 -22.38 -9.76
C SER A 130 -0.87 -21.43 -9.21
N ASP A 131 -0.33 -21.73 -8.03
CA ASP A 131 0.71 -20.90 -7.43
C ASP A 131 1.98 -21.02 -8.25
N GLY A 132 2.56 -19.88 -8.61
CA GLY A 132 3.77 -19.87 -9.43
C GLY A 132 3.49 -19.88 -10.93
N ALA A 133 2.22 -19.73 -11.30
CA ALA A 133 1.81 -19.68 -12.70
C ALA A 133 2.49 -18.52 -13.42
N LYS A 134 2.88 -18.78 -14.67
CA LYS A 134 3.67 -17.84 -15.44
C LYS A 134 2.90 -16.56 -15.71
N ILE A 135 3.56 -15.43 -15.50
CA ILE A 135 3.07 -14.13 -15.99
C ILE A 135 4.00 -13.68 -17.10
N ALA A 136 3.44 -13.26 -18.22
CA ALA A 136 4.27 -12.86 -19.36
C ALA A 136 3.66 -11.72 -20.15
N GLY A 137 4.47 -11.13 -21.02
CA GLY A 137 3.99 -10.19 -22.03
C GLY A 137 3.31 -10.97 -23.16
N TRP A 138 2.17 -10.46 -23.59
CA TRP A 138 1.36 -11.12 -24.60
C TRP A 138 0.62 -10.07 -25.42
N THR A 139 0.52 -10.35 -26.72
CA THR A 139 -0.34 -9.62 -27.65
C THR A 139 -1.74 -9.46 -27.06
N GLY A 140 -2.31 -8.27 -27.20
CA GLY A 140 -3.70 -8.06 -26.82
C GLY A 140 -4.23 -6.72 -27.23
N THR A 141 -5.49 -6.45 -26.89
CA THR A 141 -6.08 -5.17 -27.22
C THR A 141 -6.62 -4.48 -25.97
N TRP A 142 -6.69 -3.16 -26.03
CA TRP A 142 -7.18 -2.34 -24.93
C TRP A 142 -8.63 -2.60 -24.59
N ASP A 143 -9.40 -3.06 -25.57
CA ASP A 143 -10.85 -3.18 -25.43
CA ASP A 143 -10.85 -3.18 -25.40
C ASP A 143 -11.36 -4.61 -25.35
N GLU A 144 -10.48 -5.59 -25.54
CA GLU A 144 -10.95 -6.99 -25.50
C GLU A 144 -11.30 -7.48 -24.08
N GLY A 145 -12.12 -8.53 -24.02
CA GLY A 145 -12.62 -9.04 -22.75
C GLY A 145 -11.65 -9.96 -22.03
N ASN A 146 -10.59 -10.34 -22.72
CA ASN A 146 -9.65 -11.36 -22.26
C ASN A 146 -9.22 -11.22 -20.78
N PRO A 147 -9.74 -12.11 -19.92
CA PRO A 147 -9.52 -12.07 -18.47
C PRO A 147 -8.08 -12.32 -18.05
N HIS A 148 -7.26 -12.90 -18.93
CA HIS A 148 -5.88 -13.18 -18.59
C HIS A 148 -5.09 -11.86 -18.47
N GLN A 149 -5.59 -10.83 -19.14
CA GLN A 149 -4.94 -9.52 -19.20
C GLN A 149 -5.71 -8.43 -18.46
N LYS A 150 -6.65 -8.85 -17.63
CA LYS A 150 -7.46 -7.93 -16.85
C LYS A 150 -7.06 -8.10 -15.38
N TRP A 151 -6.86 -6.99 -14.70
CA TRP A 151 -6.38 -6.97 -13.33
C TRP A 151 -7.04 -5.91 -12.49
N TYR A 152 -7.61 -6.32 -11.37
CA TYR A 152 -8.09 -5.38 -10.36
C TYR A 152 -6.90 -4.76 -9.63
N PHE A 153 -6.88 -3.43 -9.64
CA PHE A 153 -5.94 -2.67 -8.86
C PHE A 153 -6.55 -2.28 -7.48
N ASN A 154 -6.34 -3.16 -6.51
CA ASN A 154 -6.84 -3.03 -5.14
C ASN A 154 -5.98 -2.03 -4.36
N ARG A 155 -6.51 -0.82 -4.21
CA ARG A 155 -5.74 0.26 -3.68
C ARG A 155 -5.45 0.04 -2.20
N MET A 156 -4.16 -0.03 -1.87
CA MET A 156 -3.72 -0.32 -0.51
C MET A 156 -3.29 0.93 0.26
N SER A 157 -3.23 2.06 -0.44
CA SER A 157 -2.66 3.27 0.12
C SER A 157 -3.57 4.52 0.02
N VAL A 158 -3.20 5.56 0.76
CA VAL A 158 -3.77 6.92 0.60
C VAL A 158 -2.70 7.99 0.40
N SER A 159 -3.09 9.05 -0.29
CA SER A 159 -2.26 10.25 -0.42
C SER A 159 -2.46 11.11 0.82
N SER A 160 -1.53 12.05 1.08
CA SER A 160 -1.74 13.09 2.10
C SER A 160 -3.14 13.73 1.98
N ALA A 161 -3.55 14.08 0.75
CA ALA A 161 -4.86 14.72 0.48
C ALA A 161 -6.03 13.90 0.98
N GLU A 162 -6.01 12.61 0.64
CA GLU A 162 -7.01 11.64 1.09
C GLU A 162 -6.99 11.48 2.59
N ALA A 163 -5.79 11.47 3.20
CA ALA A 163 -5.67 11.39 4.66
C ALA A 163 -6.27 12.60 5.36
N GLN A 164 -5.90 13.80 4.91
CA GLN A 164 -6.48 15.04 5.44
C GLN A 164 -7.99 15.03 5.39
N ALA A 165 -8.55 14.67 4.23
CA ALA A 165 -10.00 14.64 4.04
C ALA A 165 -10.70 13.70 5.00
N ALA A 166 -10.10 12.55 5.27
CA ALA A 166 -10.66 11.60 6.23
C ALA A 166 -10.63 12.16 7.65
N ILE A 167 -9.54 12.85 8.00
CA ILE A 167 -9.41 13.44 9.33
C ILE A 167 -10.38 14.61 9.44
N ALA A 168 -10.54 15.32 8.33
CA ALA A 168 -11.42 16.48 8.25
C ALA A 168 -12.88 16.11 8.53
N ARG A 169 -13.30 14.89 8.19
CA ARG A 169 -14.70 14.49 8.40
CA ARG A 169 -14.69 14.50 8.41
C ARG A 169 -14.91 13.75 9.73
N ASN A 170 -13.89 13.73 10.56
CA ASN A 170 -14.00 13.07 11.85
C ASN A 170 -14.34 14.04 12.99
N PRO A 171 -15.40 13.75 13.78
CA PRO A 171 -15.85 14.73 14.77
C PRO A 171 -14.91 14.90 15.96
N HIS A 172 -13.97 13.98 16.15
CA HIS A 172 -13.06 14.03 17.29
C HIS A 172 -11.69 14.61 17.04
N ILE A 173 -11.44 15.09 15.83
CA ILE A 173 -10.14 15.68 15.56
C ILE A 173 -10.30 17.14 15.21
N HIS A 174 -9.81 17.99 16.11
CA HIS A 174 -9.91 19.44 15.98
C HIS A 174 -8.54 20.09 16.17
N GLY A 175 -8.46 21.41 16.02
CA GLY A 175 -7.19 22.12 16.17
C GLY A 175 -6.29 21.90 14.97
N THR A 176 -5.01 21.62 15.24
CA THR A 176 -4.06 21.39 14.17
C THR A 176 -3.94 19.91 13.87
N TYR A 177 -4.08 19.59 12.59
CA TYR A 177 -3.79 18.24 12.13
C TYR A 177 -3.16 18.31 10.77
N ARG A 178 -2.09 17.53 10.59
CA ARG A 178 -1.29 17.62 9.37
C ARG A 178 -0.39 16.40 9.27
N GLY A 179 -0.02 16.02 8.04
CA GLY A 179 1.02 15.06 7.80
C GLY A 179 2.36 15.74 7.60
N TYR A 180 3.42 15.16 8.14
CA TYR A 180 4.76 15.66 7.91
C TYR A 180 5.18 15.67 6.42
N ILE A 181 5.09 14.52 5.76
CA ILE A 181 5.45 14.42 4.35
C ILE A 181 4.59 15.29 3.47
N LEU A 182 5.26 16.01 2.58
CA LEU A 182 4.64 16.87 1.58
C LEU A 182 4.28 15.99 0.42
N ASP A 183 2.97 15.79 0.26
CA ASP A 183 2.41 14.84 -0.70
C ASP A 183 2.95 13.40 -0.56
N GLY A 184 2.74 12.82 0.63
CA GLY A 184 3.14 11.45 0.89
C GLY A 184 2.18 10.41 0.35
N GLU A 185 2.67 9.18 0.19
CA GLU A 185 1.79 8.08 -0.11
C GLU A 185 1.89 7.11 1.07
N TYR A 186 0.75 6.76 1.67
CA TYR A 186 0.74 5.99 2.91
C TYR A 186 0.05 4.65 2.74
N LEU A 187 0.77 3.58 3.03
CA LEU A 187 0.17 2.26 3.16
C LEU A 187 -0.75 2.18 4.38
N VAL A 188 -2.03 1.99 4.10
CA VAL A 188 -3.00 1.74 5.14
C VAL A 188 -2.96 0.27 5.49
N LEU A 189 -2.57 -0.04 6.72
CA LEU A 189 -2.49 -1.41 7.19
C LEU A 189 -3.87 -1.99 7.48
N PRO A 190 -4.12 -3.24 7.03
CA PRO A 190 -5.20 -4.02 7.62
C PRO A 190 -5.05 -4.05 9.15
N ASN A 191 -6.15 -4.04 9.90
CA ASN A 191 -6.08 -3.98 11.35
C ASN A 191 -5.34 -5.17 11.93
N ALA A 192 -5.44 -6.30 11.23
CA ALA A 192 -4.73 -7.52 11.55
C ALA A 192 -3.23 -7.28 11.65
N THR A 193 -2.69 -6.59 10.65
CA THR A 193 -1.26 -6.23 10.60
C THR A 193 -0.89 -5.16 11.63
N PHE A 194 -1.78 -4.19 11.80
CA PHE A 194 -1.60 -3.09 12.73
C PHE A 194 -1.52 -3.64 14.14
N THR A 195 -2.42 -4.57 14.46
CA THR A 195 -2.43 -5.35 15.72
C THR A 195 -1.16 -6.22 15.88
N GLN A 196 -0.69 -6.84 14.80
CA GLN A 196 0.54 -7.62 14.88
C GLN A 196 1.70 -6.75 15.36
N ILE A 197 1.81 -5.53 14.81
CA ILE A 197 2.92 -4.65 15.14
C ILE A 197 2.83 -4.27 16.59
N TRP A 198 1.65 -3.84 17.00
CA TRP A 198 1.42 -3.56 18.40
C TRP A 198 1.80 -4.72 19.34
N LYS A 199 1.46 -5.95 18.95
CA LYS A 199 1.68 -7.14 19.78
C LYS A 199 3.16 -7.40 19.97
N ASP A 200 3.94 -7.02 18.98
CA ASP A 200 5.35 -7.31 18.99
C ASP A 200 6.16 -6.09 19.36
N SER A 201 5.48 -5.07 19.84
CA SER A 201 6.11 -3.77 20.03
C SER A 201 6.70 -3.58 21.44
N GLY A 202 6.25 -4.41 22.39
CA GLY A 202 6.62 -4.18 23.78
C GLY A 202 5.57 -3.37 24.53
N LEU A 203 4.56 -2.87 23.83
CA LEU A 203 3.51 -2.10 24.49
C LEU A 203 2.53 -2.93 25.33
N PRO A 204 2.11 -4.13 24.84
CA PRO A 204 1.21 -4.92 25.65
C PRO A 204 1.71 -5.09 27.09
N GLY A 205 2.99 -5.37 27.27
CA GLY A 205 3.53 -5.59 28.60
C GLY A 205 4.20 -4.41 29.28
N SER A 206 4.10 -3.23 28.66
CA SER A 206 4.56 -1.97 29.26
C SER A 206 3.49 -1.44 30.18
N LYS A 207 3.94 -1.04 31.36
CA LYS A 207 3.10 -0.54 32.42
CA LYS A 207 3.09 -0.54 32.42
C LYS A 207 2.97 0.97 32.30
N TRP A 208 1.73 1.45 32.35
CA TRP A 208 1.39 2.87 32.39
C TRP A 208 1.84 3.43 33.72
N ARG A 209 2.55 4.55 33.65
CA ARG A 209 3.07 5.18 34.86
C ARG A 209 2.88 6.66 34.71
N GLU A 210 2.38 7.30 35.76
CA GLU A 210 2.04 8.71 35.72
C GLU A 210 3.22 9.57 35.30
N GLN A 211 3.00 10.31 34.18
CA GLN A 211 3.95 11.23 33.56
C GLN A 211 5.13 10.56 32.85
N ILE A 212 5.77 9.63 33.55
CA ILE A 212 7.00 9.00 33.08
C ILE A 212 6.77 7.90 32.02
N TYR A 213 5.61 7.24 32.06
CA TYR A 213 5.23 6.41 30.94
C TYR A 213 3.76 6.47 30.72
N ASP A 214 3.37 7.60 30.15
CA ASP A 214 1.98 8.04 30.17
C ASP A 214 1.37 7.78 28.79
N CYS A 215 0.13 8.20 28.60
CA CYS A 215 -0.58 7.88 27.36
C CYS A 215 0.13 8.41 26.14
N ASP A 216 0.67 9.63 26.21
CA ASP A 216 1.44 10.19 25.09
C ASP A 216 2.59 9.25 24.70
N ASP A 217 3.21 8.60 25.68
CA ASP A 217 4.33 7.72 25.42
C ASP A 217 3.98 6.41 24.69
N PHE A 218 2.83 5.83 25.02
CA PHE A 218 2.33 4.65 24.33
C PHE A 218 2.07 4.97 22.86
N ALA A 219 1.36 6.07 22.61
CA ALA A 219 1.04 6.57 21.27
C ALA A 219 2.30 6.81 20.41
N ILE A 220 3.28 7.50 21.00
CA ILE A 220 4.56 7.79 20.36
C ILE A 220 5.31 6.50 20.06
N ALA A 221 5.34 5.62 21.05
CA ALA A 221 6.05 4.35 20.98
C ALA A 221 5.43 3.46 19.89
N MET A 222 4.12 3.47 19.78
CA MET A 222 3.45 2.73 18.72
C MET A 222 3.86 3.25 17.35
N LYS A 223 3.80 4.56 17.17
CA LYS A 223 4.16 5.23 15.92
C LYS A 223 5.64 4.96 15.51
N ALA A 224 6.53 4.86 16.50
CA ALA A 224 7.93 4.52 16.27
C ALA A 224 8.07 3.07 15.87
N ALA A 225 7.26 2.20 16.48
CA ALA A 225 7.24 0.77 16.20
C ALA A 225 6.78 0.55 14.78
N VAL A 226 5.74 1.27 14.37
CA VAL A 226 5.28 1.25 12.97
C VAL A 226 6.32 1.82 11.98
N GLY A 227 6.99 2.91 12.37
CA GLY A 227 8.09 3.47 11.62
C GLY A 227 9.19 2.46 11.39
N LYS A 228 9.62 1.81 12.46
CA LYS A 228 10.66 0.81 12.39
C LYS A 228 10.24 -0.42 11.58
N TRP A 229 9.03 -0.90 11.83
CA TRP A 229 8.51 -2.05 11.10
C TRP A 229 8.53 -1.81 9.60
N GLY A 230 8.10 -0.62 9.15
CA GLY A 230 8.02 -0.27 7.73
C GLY A 230 9.39 -0.26 7.05
N ALA A 231 10.35 0.36 7.73
CA ALA A 231 11.71 0.46 7.25
C ALA A 231 12.35 -0.93 7.17
N ASP A 232 12.13 -1.76 8.20
CA ASP A 232 12.74 -3.07 8.31
C ASP A 232 12.07 -4.07 7.39
N SER A 233 10.79 -3.85 7.08
CA SER A 233 9.98 -4.83 6.35
C SER A 233 10.03 -4.65 4.85
N TRP A 234 10.23 -3.42 4.42
CA TRP A 234 10.15 -3.07 3.00
C TRP A 234 11.42 -2.44 2.46
N LYS A 235 11.84 -2.92 1.28
CA LYS A 235 13.00 -2.37 0.57
C LYS A 235 12.71 -1.18 -0.36
N ALA A 236 11.45 -1.00 -0.78
CA ALA A 236 11.05 0.16 -1.59
C ALA A 236 11.10 1.44 -0.76
N ASN A 237 11.35 2.57 -1.43
CA ASN A 237 11.31 3.87 -0.80
C ASN A 237 10.21 4.70 -1.43
N GLY A 238 9.93 5.87 -0.85
CA GLY A 238 9.02 6.82 -1.44
C GLY A 238 7.59 6.56 -1.03
N PHE A 239 7.41 5.83 0.05
CA PHE A 239 6.07 5.61 0.59
C PHE A 239 6.24 5.55 2.08
N ALA A 240 5.14 5.61 2.83
CA ALA A 240 5.21 5.56 4.31
C ALA A 240 4.11 4.64 4.83
N ILE A 241 4.20 4.27 6.11
CA ILE A 241 3.12 3.51 6.74
C ILE A 241 2.24 4.49 7.46
N PHE A 242 0.94 4.30 7.29
CA PHE A 242 -0.04 5.15 7.95
C PHE A 242 -0.22 4.83 9.43
N CYS A 243 0.05 5.81 10.26
CA CYS A 243 -0.15 5.70 11.70
C CYS A 243 -0.09 7.10 12.27
N GLY A 244 -1.25 7.58 12.73
CA GLY A 244 -1.35 8.88 13.29
C GLY A 244 -1.16 8.86 14.78
N VAL A 245 -0.88 10.03 15.33
CA VAL A 245 -0.86 10.24 16.75
C VAL A 245 -1.76 11.43 17.02
N MET A 246 -2.65 11.30 18.00
CA MET A 246 -3.47 12.45 18.41
C MET A 246 -3.32 12.70 19.90
N LEU A 247 -3.22 13.98 20.25
CA LEU A 247 -3.03 14.42 21.64
C LEU A 247 -4.22 15.31 21.98
N GLY A 248 -4.90 15.02 23.07
CA GLY A 248 -6.17 15.68 23.36
C GLY A 248 -6.34 16.14 24.80
N VAL A 249 -7.34 16.99 25.01
CA VAL A 249 -7.69 17.48 26.36
C VAL A 249 -9.18 17.76 26.42
N ASN A 250 -9.77 17.47 27.59
CA ASN A 250 -11.15 17.83 27.97
C ASN A 250 -11.48 19.30 27.80
N LYS A 251 -12.79 19.61 27.81
CA LYS A 251 -13.26 20.99 27.88
C LYS A 251 -12.76 21.60 29.20
N ALA A 252 -13.00 20.86 30.27
CA ALA A 252 -12.28 21.04 31.52
C ALA A 252 -10.82 20.59 31.26
N GLY A 253 -9.86 21.46 31.55
CA GLY A 253 -8.45 21.08 31.42
C GLY A 253 -8.10 20.13 32.56
N ASP A 254 -8.89 19.08 32.71
CA ASP A 254 -8.68 18.15 33.83
C ASP A 254 -8.48 16.67 33.45
N ALA A 255 -8.59 16.36 32.16
CA ALA A 255 -8.32 15.01 31.65
C ALA A 255 -7.70 15.07 30.26
N ALA A 256 -6.62 14.29 30.06
CA ALA A 256 -5.94 14.22 28.77
C ALA A 256 -5.99 12.82 28.18
N HIS A 257 -5.95 12.75 26.85
CA HIS A 257 -5.93 11.47 26.16
C HIS A 257 -4.96 11.50 24.97
N ALA A 258 -4.33 10.35 24.70
CA ALA A 258 -3.50 10.19 23.51
C ALA A 258 -3.94 8.91 22.83
N TYR A 259 -4.13 8.98 21.51
CA TYR A 259 -4.44 7.84 20.66
C TYR A 259 -3.60 7.84 19.42
N ASN A 260 -3.45 6.65 18.89
CA ASN A 260 -3.03 6.47 17.52
C ASN A 260 -4.27 6.41 16.67
N PHE A 261 -4.11 6.57 15.37
CA PHE A 261 -5.20 6.34 14.49
C PHE A 261 -4.76 5.68 13.18
N THR A 262 -5.71 4.95 12.60
CA THR A 262 -5.51 4.26 11.34
C THR A 262 -6.71 4.59 10.42
N LEU A 263 -6.86 3.89 9.31
CA LEU A 263 -7.91 4.20 8.37
C LEU A 263 -8.68 2.92 8.09
N THR A 264 -9.97 3.06 7.80
CA THR A 264 -10.75 1.93 7.37
C THR A 264 -10.20 1.42 6.04
N LYS A 265 -10.46 0.15 5.73
CA LYS A 265 -10.02 -0.43 4.45
C LYS A 265 -10.54 0.26 3.19
N ASP A 266 -11.67 0.95 3.27
CA ASP A 266 -12.14 1.75 2.14
C ASP A 266 -11.49 3.15 2.09
N HIS A 267 -10.64 3.42 3.09
CA HIS A 267 -9.85 4.66 3.20
C HIS A 267 -10.66 5.91 3.51
N ALA A 268 -11.95 5.73 3.78
CA ALA A 268 -12.87 6.84 4.03
C ALA A 268 -12.81 7.40 5.46
N ASP A 269 -12.69 6.50 6.44
CA ASP A 269 -12.84 6.89 7.85
C ASP A 269 -11.67 6.58 8.72
N ILE A 270 -11.35 7.52 9.62
CA ILE A 270 -10.34 7.36 10.64
C ILE A 270 -10.89 6.50 11.77
N VAL A 271 -10.06 5.61 12.28
CA VAL A 271 -10.39 4.79 13.45
C VAL A 271 -9.24 4.99 14.44
N PHE A 272 -9.58 5.13 15.70
CA PHE A 272 -8.62 5.33 16.77
C PHE A 272 -8.16 4.00 17.33
N PHE A 273 -6.93 4.01 17.83
CA PHE A 273 -6.29 2.83 18.39
C PHE A 273 -5.73 3.23 19.75
N GLU A 274 -6.01 2.40 20.75
CA GLU A 274 -5.58 2.60 22.11
C GLU A 274 -4.33 1.74 22.28
N PRO A 275 -3.14 2.39 22.31
CA PRO A 275 -1.85 1.69 22.35
C PRO A 275 -1.51 1.04 23.67
N GLN A 276 -2.29 1.32 24.71
CA GLN A 276 -2.09 0.65 25.98
C GLN A 276 -2.55 -0.81 25.95
N ASN A 277 -3.76 -1.02 25.42
CA ASN A 277 -4.38 -2.36 25.44
CA ASN A 277 -4.41 -2.34 25.43
C ASN A 277 -4.74 -2.91 24.05
N GLY A 278 -4.47 -2.14 22.99
CA GLY A 278 -4.72 -2.59 21.62
C GLY A 278 -6.13 -2.42 21.07
N GLY A 279 -6.95 -1.60 21.72
CA GLY A 279 -8.33 -1.40 21.28
C GLY A 279 -8.50 -0.51 20.08
N TYR A 280 -9.52 -0.81 19.27
CA TYR A 280 -9.92 0.07 18.17
C TYR A 280 -11.20 0.82 18.60
N LEU A 281 -11.27 2.12 18.35
CA LEU A 281 -12.38 2.95 18.84
C LEU A 281 -12.85 3.94 17.80
N ASN A 282 -14.15 4.16 17.76
CA ASN A 282 -14.69 5.16 16.84
C ASN A 282 -14.99 6.46 17.55
N ASP A 283 -15.58 6.33 18.73
CA ASP A 283 -16.04 7.46 19.53
CA ASP A 283 -16.00 7.49 19.51
C ASP A 283 -15.22 7.54 20.81
N ILE A 284 -14.39 8.58 20.91
CA ILE A 284 -13.50 8.79 22.03
C ILE A 284 -13.92 10.04 22.83
N GLY A 285 -14.87 10.80 22.27
CA GLY A 285 -15.15 12.23 22.60
C GLY A 285 -14.84 12.53 24.05
N TYR A 286 -13.90 13.43 24.37
CA TYR A 286 -13.42 14.61 23.60
C TYR A 286 -12.42 14.44 22.43
N ASP A 287 -11.84 15.57 22.03
CA ASP A 287 -11.07 15.64 20.79
C ASP A 287 -9.55 15.81 20.96
N SER A 288 -8.88 16.32 19.95
CA SER A 288 -7.47 16.65 20.07
C SER A 288 -7.17 18.11 19.77
N TYR A 289 -6.00 18.55 20.20
CA TYR A 289 -5.50 19.85 19.84
C TYR A 289 -4.37 19.71 18.81
N MET A 290 -3.89 18.47 18.63
CA MET A 290 -2.73 18.16 17.76
C MET A 290 -2.82 16.73 17.24
N ALA A 291 -2.79 16.57 15.92
CA ALA A 291 -2.79 15.26 15.30
C ALA A 291 -1.82 15.28 14.12
N PHE A 292 -0.94 14.29 14.08
CA PHE A 292 -0.06 14.19 12.95
C PHE A 292 0.10 12.76 12.51
N TYR A 293 0.61 12.66 11.30
CA TYR A 293 0.93 11.39 10.75
C TYR A 293 2.02 11.66 9.75
C1 NAG B . 9.81 -18.67 2.97
C2 NAG B . 10.19 -18.20 1.56
C3 NAG B . 9.10 -17.22 1.18
C4 NAG B . 7.73 -17.89 1.22
C5 NAG B . 7.53 -18.69 2.53
C6 NAG B . 6.25 -19.52 2.64
C7 NAG B . 12.48 -17.91 0.75
C8 NAG B . 13.71 -17.06 0.76
N2 NAG B . 11.49 -17.56 1.57
O1 NAG B . 10.87 -19.35 3.60
O3 NAG B . 9.24 -16.63 -0.09
O4 NAG B . 6.89 -16.77 1.14
O5 NAG B . 8.66 -19.49 2.84
O6 NAG B . 5.99 -20.20 1.44
O7 NAG B . 12.39 -18.88 0.00
C1 GAL B . 5.89 -16.99 0.19
C2 GAL B . 4.70 -16.21 0.69
C3 GAL B . 3.55 -16.49 -0.24
C4 GAL B . 3.97 -16.15 -1.69
C5 GAL B . 5.26 -16.88 -2.07
C6 GAL B . 5.76 -16.71 -3.53
O2 GAL B . 4.36 -16.57 2.00
O3 GAL B . 2.49 -15.70 0.25
O4 GAL B . 4.14 -14.76 -1.81
O5 GAL B . 6.23 -16.52 -1.10
O6 GAL B . 6.77 -15.70 -3.66
C1 GAL B . 1.28 -15.98 -0.46
C2 GAL B . 0.17 -15.13 0.14
C3 GAL B . -0.25 -15.71 1.51
C4 GAL B . -0.48 -17.21 1.44
C5 GAL B . 0.72 -17.91 0.81
C6 GAL B . 0.54 -19.42 0.59
O2 GAL B . 0.62 -13.80 0.21
O3 GAL B . -1.44 -15.08 1.92
O4 GAL B . -1.60 -17.43 0.63
O5 GAL B . 0.93 -17.35 -0.47
O6 GAL B . 1.63 -19.94 -0.14
C1 NAG C . 20.94 -4.79 -24.74
C2 NAG C . 19.67 -5.61 -24.59
C3 NAG C . 18.78 -4.84 -23.58
C4 NAG C . 19.51 -4.67 -22.23
C5 NAG C . 20.86 -4.02 -22.54
C6 NAG C . 21.79 -3.80 -21.35
C7 NAG C . 18.78 -6.87 -26.54
C8 NAG C . 18.54 -6.78 -28.01
N2 NAG C . 19.06 -5.72 -25.91
O1 NAG C . 21.77 -5.42 -25.66
O3 NAG C . 17.53 -5.47 -23.45
O4 NAG C . 18.77 -3.86 -21.32
O5 NAG C . 21.58 -4.78 -23.51
O6 NAG C . 22.10 -5.07 -20.88
O7 NAG C . 18.68 -7.95 -26.00
C1 GAL C . 18.62 -4.35 -19.97
C2 GAL C . 18.47 -3.14 -19.04
C3 GAL C . 18.01 -3.50 -17.62
C4 GAL C . 16.85 -4.50 -17.64
C5 GAL C . 17.27 -5.68 -18.52
C6 GAL C . 16.23 -6.75 -18.56
O2 GAL C . 19.70 -2.45 -18.96
O3 GAL C . 17.72 -2.27 -16.96
O4 GAL C . 15.66 -3.97 -18.17
O5 GAL C . 17.48 -5.18 -19.83
O6 GAL C . 15.15 -6.23 -19.24
C1 GAL C . 18.01 -2.19 -15.56
C2 GAL C . 18.17 -0.73 -15.17
C3 GAL C . 19.59 -0.22 -15.40
C4 GAL C . 20.62 -1.18 -14.81
C5 GAL C . 20.44 -2.53 -15.43
C6 GAL C . 21.38 -3.50 -14.75
O2 GAL C . 17.27 0.08 -15.87
O3 GAL C . 19.74 1.04 -14.81
O4 GAL C . 20.38 -1.37 -13.43
O5 GAL C . 19.12 -2.99 -15.17
O6 GAL C . 21.11 -4.77 -15.25
#